data_8Q4W
#
_entry.id   8Q4W
#
_cell.length_a   39.840
_cell.length_b   103.970
_cell.length_c   42.070
_cell.angle_alpha   90.000
_cell.angle_beta   104.420
_cell.angle_gamma   90.000
#
_symmetry.space_group_name_H-M   'P 1 21 1'
#
loop_
_entity.id
_entity.type
_entity.pdbx_description
1 polymer 'YTH domain-containing protein 1'
2 non-polymer 5-chloranyl-3-[(3-chlorophenyl)methyl]-~{N}-methyl-2~{H}-pyrazolo[4,3-d]pyrimidin-7-amine
3 non-polymer 'SULFATE ION'
4 water water
#
_entity_poly.entity_id   1
_entity_poly.type   'polypeptide(L)'
_entity_poly.pdbx_seq_one_letter_code
;GTSKLKYVLQDARFFLIKSNNHENVSLAKAKGVWSTLPVNEKKLNLAFRSARSVILIFSVRESGKFQGFARLSSESHHGG
SPIHWVLPAGMSAKMLGGVFKIDWICRRELPFTKSAHLTNPWNEHKPVKIGRDGQEIELECGTQLCLLFPPDESIDLYQV
IHKMRH
;
_entity_poly.pdbx_strand_id   A,B
#
loop_
_chem_comp.id
_chem_comp.type
_chem_comp.name
_chem_comp.formula
JNC non-polymer 5-chloranyl-3-[(3-chlorophenyl)methyl]-~{N}-methyl-2~{H}-pyrazolo[4,3-d]pyrimidin-7-amine 'C13 H11 Cl2 N5'
SO4 non-polymer 'SULFATE ION' 'O4 S -2'
#
# COMPACT_ATOMS: atom_id res chain seq x y z
N GLY A 1 1.62 -6.61 2.33
CA GLY A 1 0.29 -7.16 2.18
C GLY A 1 -0.40 -6.69 0.92
N THR A 2 -1.54 -7.31 0.58
CA THR A 2 -2.27 -6.99 -0.63
C THR A 2 -3.57 -6.24 -0.36
N SER A 3 -3.87 -5.91 0.91
CA SER A 3 -5.14 -5.29 1.23
C SER A 3 -5.25 -3.89 0.64
N LYS A 4 -4.21 -3.06 0.82
CA LYS A 4 -4.27 -1.72 0.26
C LYS A 4 -4.33 -1.77 -1.26
N LEU A 5 -3.61 -2.71 -1.89
CA LEU A 5 -3.70 -2.86 -3.34
C LEU A 5 -5.13 -3.17 -3.78
N LYS A 6 -5.77 -4.14 -3.11
CA LYS A 6 -7.15 -4.46 -3.47
C LYS A 6 -8.06 -3.26 -3.30
N TYR A 7 -7.82 -2.44 -2.29
CA TYR A 7 -8.64 -1.25 -2.12
C TYR A 7 -8.44 -0.28 -3.28
N VAL A 8 -7.21 -0.13 -3.76
CA VAL A 8 -6.94 0.75 -4.89
C VAL A 8 -7.63 0.24 -6.15
N LEU A 9 -7.65 -1.09 -6.32
CA LEU A 9 -8.25 -1.72 -7.50
C LEU A 9 -9.76 -1.82 -7.44
N GLN A 10 -10.37 -1.45 -6.32
CA GLN A 10 -11.82 -1.57 -6.18
C GLN A 10 -12.51 -0.69 -7.21
N ASP A 11 -13.32 -1.31 -8.07
CA ASP A 11 -14.13 -0.60 -9.05
C ASP A 11 -13.26 0.20 -10.03
N ALA A 12 -12.02 -0.21 -10.22
CA ALA A 12 -11.14 0.47 -11.17
C ALA A 12 -11.51 0.08 -12.61
N ARG A 13 -11.06 0.91 -13.55
CA ARG A 13 -11.01 0.51 -14.95
C ARG A 13 -9.55 0.25 -15.33
N PHE A 14 -9.36 -0.67 -16.26
CA PHE A 14 -8.04 -1.16 -16.65
C PHE A 14 -7.84 -1.02 -18.15
N PHE A 15 -6.66 -0.56 -18.56
CA PHE A 15 -6.32 -0.42 -19.97
C PHE A 15 -4.92 -0.98 -20.24
N LEU A 16 -4.81 -1.72 -21.33
CA LEU A 16 -3.54 -2.27 -21.77
C LEU A 16 -2.77 -1.20 -22.53
N ILE A 17 -1.54 -0.92 -22.11
CA ILE A 17 -0.65 0.02 -22.78
C ILE A 17 0.46 -0.79 -23.44
N LYS A 18 0.60 -0.65 -24.76
CA LYS A 18 1.65 -1.33 -25.51
C LYS A 18 2.65 -0.28 -25.97
N SER A 19 3.91 -0.40 -25.55
CA SER A 19 4.95 0.52 -25.96
C SER A 19 5.88 -0.18 -26.95
N ASN A 20 6.28 0.54 -27.99
CA ASN A 20 7.16 -0.06 -28.99
C ASN A 20 8.61 -0.17 -28.53
N ASN A 21 9.01 0.49 -27.44
CA ASN A 21 10.38 0.37 -26.96
C ASN A 21 10.40 0.41 -25.44
N HIS A 22 11.53 -0.03 -24.87
CA HIS A 22 11.72 -0.04 -23.43
C HIS A 22 12.01 1.35 -22.88
N GLU A 23 12.69 2.19 -23.66
CA GLU A 23 13.14 3.49 -23.17
C GLU A 23 11.99 4.34 -22.69
N ASN A 24 10.84 4.31 -23.38
CA ASN A 24 9.76 5.17 -22.95
C ASN A 24 9.09 4.66 -21.67
N VAL A 25 9.05 3.33 -21.47
CA VAL A 25 8.56 2.81 -20.21
C VAL A 25 9.52 3.14 -19.08
N SER A 26 10.82 3.08 -19.34
CA SER A 26 11.80 3.52 -18.34
CA SER A 26 11.80 3.52 -18.34
C SER A 26 11.59 4.99 -17.99
N LEU A 27 11.43 5.84 -19.02
CA LEU A 27 11.17 7.25 -18.81
C LEU A 27 9.88 7.43 -18.00
N ALA A 28 8.84 6.67 -18.33
CA ALA A 28 7.58 6.80 -17.61
C ALA A 28 7.74 6.44 -16.14
N LYS A 29 8.52 5.40 -15.84
CA LYS A 29 8.75 5.00 -14.47
C LYS A 29 9.58 6.05 -13.71
N ALA A 30 10.47 6.73 -14.40
CA ALA A 30 11.35 7.70 -13.76
C ALA A 30 10.64 9.01 -13.49
N LYS A 31 9.75 9.42 -14.39
CA LYS A 31 9.15 10.74 -14.39
C LYS A 31 7.67 10.75 -14.05
N GLY A 32 7.03 9.58 -13.98
CA GLY A 32 5.62 9.55 -13.60
C GLY A 32 4.70 10.12 -14.65
N VAL A 33 4.99 9.89 -15.94
CA VAL A 33 4.18 10.43 -17.03
C VAL A 33 3.97 9.35 -18.07
N TRP A 34 2.91 9.51 -18.85
CA TRP A 34 2.70 8.69 -20.04
C TRP A 34 2.00 9.50 -21.11
N SER A 35 2.33 9.19 -22.36
CA SER A 35 1.69 9.77 -23.52
C SER A 35 1.30 8.65 -24.49
N THR A 36 0.17 8.83 -25.16
CA THR A 36 -0.35 7.83 -26.08
C THR A 36 -0.95 8.54 -27.28
N LEU A 37 -1.45 7.76 -28.23
CA LEU A 37 -2.01 8.33 -29.45
C LEU A 37 -3.34 9.03 -29.16
N PRO A 38 -3.74 9.98 -30.01
CA PRO A 38 -4.98 10.73 -29.74
C PRO A 38 -6.21 9.86 -29.55
N VAL A 39 -6.33 8.75 -30.26
CA VAL A 39 -7.52 7.91 -30.11
C VAL A 39 -7.58 7.31 -28.71
N ASN A 40 -6.44 6.89 -28.17
CA ASN A 40 -6.41 6.35 -26.81
C ASN A 40 -6.45 7.46 -25.76
N GLU A 41 -5.85 8.61 -26.05
CA GLU A 41 -5.89 9.73 -25.13
C GLU A 41 -7.32 10.15 -24.80
N LYS A 42 -8.19 10.19 -25.83
CA LYS A 42 -9.58 10.53 -25.60
C LYS A 42 -10.25 9.49 -24.70
N LYS A 43 -9.96 8.21 -24.92
CA LYS A 43 -10.56 7.16 -24.11
C LYS A 43 -10.14 7.28 -22.65
N LEU A 44 -8.85 7.52 -22.40
CA LEU A 44 -8.37 7.61 -21.02
C LEU A 44 -8.92 8.85 -20.31
N ASN A 45 -9.02 9.97 -21.04
CA ASN A 45 -9.59 11.16 -20.44
C ASN A 45 -11.03 10.92 -19.99
N LEU A 46 -11.83 10.29 -20.86
CA LEU A 46 -13.19 9.91 -20.49
C LEU A 46 -13.20 8.99 -19.28
N ALA A 47 -12.35 7.96 -19.30
CA ALA A 47 -12.34 7.00 -18.18
C ALA A 47 -11.92 7.68 -16.88
N PHE A 48 -10.98 8.63 -16.95
CA PHE A 48 -10.48 9.26 -15.72
C PHE A 48 -11.60 9.94 -14.93
N ARG A 49 -12.58 10.51 -15.62
CA ARG A 49 -13.70 11.16 -14.94
C ARG A 49 -14.72 10.17 -14.42
N SER A 50 -14.73 8.95 -14.94
CA SER A 50 -15.81 7.99 -14.73
C SER A 50 -15.54 6.98 -13.62
N ALA A 51 -14.29 6.82 -13.20
CA ALA A 51 -13.92 5.75 -12.30
C ALA A 51 -13.06 6.26 -11.16
N ARG A 52 -13.18 5.61 -10.00
CA ARG A 52 -12.34 5.95 -8.86
C ARG A 52 -10.86 5.79 -9.19
N SER A 53 -10.52 4.79 -10.01
CA SER A 53 -9.13 4.55 -10.40
C SER A 53 -9.12 4.09 -11.85
N VAL A 54 -8.19 4.65 -12.63
CA VAL A 54 -7.91 4.15 -13.97
C VAL A 54 -6.50 3.60 -13.94
N ILE A 55 -6.36 2.31 -14.27
CA ILE A 55 -5.10 1.57 -14.16
C ILE A 55 -4.58 1.29 -15.55
N LEU A 56 -3.33 1.68 -15.81
CA LEU A 56 -2.62 1.35 -17.03
C LEU A 56 -1.68 0.19 -16.76
N ILE A 57 -1.80 -0.87 -17.54
CA ILE A 57 -0.96 -2.05 -17.42
C ILE A 57 -0.04 -2.08 -18.63
N PHE A 58 1.27 -2.01 -18.40
CA PHE A 58 2.24 -1.73 -19.45
C PHE A 58 2.86 -3.00 -20.01
N SER A 59 3.01 -3.05 -21.33
CA SER A 59 3.78 -4.13 -21.95
C SER A 59 4.58 -3.59 -23.12
N VAL A 60 5.90 -3.83 -23.10
CA VAL A 60 6.76 -3.49 -24.21
C VAL A 60 6.64 -4.57 -25.29
N ARG A 61 6.39 -4.14 -26.52
CA ARG A 61 6.22 -5.09 -27.61
C ARG A 61 7.47 -5.94 -27.80
N GLU A 62 7.25 -7.24 -28.01
CA GLU A 62 8.24 -8.29 -28.21
C GLU A 62 8.93 -8.71 -26.90
N SER A 63 8.62 -8.10 -25.76
CA SER A 63 9.31 -8.49 -24.54
C SER A 63 8.74 -9.74 -23.90
N GLY A 64 7.53 -10.15 -24.31
CA GLY A 64 6.89 -11.29 -23.68
C GLY A 64 6.51 -11.08 -22.23
N LYS A 65 6.43 -9.83 -21.77
CA LYS A 65 6.15 -9.55 -20.36
C LYS A 65 5.34 -8.27 -20.24
N PHE A 66 4.69 -8.13 -19.08
CA PHE A 66 4.26 -6.84 -18.61
C PHE A 66 5.37 -6.22 -17.75
N GLN A 67 5.49 -4.90 -17.81
CA GLN A 67 6.54 -4.22 -17.05
C GLN A 67 6.04 -3.50 -15.80
N GLY A 68 4.75 -3.54 -15.52
CA GLY A 68 4.23 -2.99 -14.29
C GLY A 68 2.89 -2.33 -14.55
N PHE A 69 2.35 -1.66 -13.53
CA PHE A 69 1.10 -0.93 -13.73
C PHE A 69 1.05 0.29 -12.82
N ALA A 70 0.20 1.24 -13.22
CA ALA A 70 0.18 2.57 -12.64
C ALA A 70 -1.25 3.09 -12.68
N ARG A 71 -1.51 4.08 -11.84
CA ARG A 71 -2.82 4.72 -11.78
C ARG A 71 -2.75 6.12 -12.37
N LEU A 72 -3.67 6.44 -13.29
CA LEU A 72 -3.78 7.83 -13.74
C LEU A 72 -4.02 8.75 -12.55
N SER A 73 -3.28 9.86 -12.50
CA SER A 73 -3.55 10.87 -11.49
C SER A 73 -4.05 12.16 -12.10
N SER A 74 -4.17 12.24 -13.42
CA SER A 74 -4.71 13.43 -14.08
C SER A 74 -5.16 13.08 -15.48
N GLU A 75 -6.01 13.95 -16.04
CA GLU A 75 -6.27 13.93 -17.47
C GLU A 75 -5.03 14.42 -18.20
N SER A 76 -5.04 14.28 -19.53
CA SER A 76 -3.90 14.73 -20.31
C SER A 76 -3.78 16.25 -20.28
N HIS A 77 -2.53 16.73 -20.27
CA HIS A 77 -2.25 18.17 -20.25
C HIS A 77 -1.13 18.48 -21.23
N HIS A 78 -1.23 19.64 -21.88
CA HIS A 78 -0.31 20.03 -22.94
C HIS A 78 0.56 21.18 -22.48
N GLY A 79 1.72 21.30 -23.12
CA GLY A 79 2.69 22.30 -22.72
C GLY A 79 3.47 21.84 -21.49
N GLY A 80 4.30 22.74 -20.98
CA GLY A 80 5.17 22.34 -19.90
C GLY A 80 6.21 21.36 -20.41
N SER A 81 6.84 20.69 -19.44
CA SER A 81 7.82 19.62 -19.64
C SER A 81 7.60 18.89 -20.96
N PRO A 82 8.46 19.10 -21.96
CA PRO A 82 8.31 18.40 -23.24
C PRO A 82 9.07 17.08 -23.26
N ILE A 83 8.36 15.98 -22.95
CA ILE A 83 9.01 14.71 -22.65
C ILE A 83 9.82 14.24 -23.86
N HIS A 84 11.08 13.87 -23.61
CA HIS A 84 11.96 13.41 -24.68
C HIS A 84 11.76 11.92 -24.94
N TRP A 85 10.54 11.57 -25.36
CA TRP A 85 10.27 10.21 -25.76
C TRP A 85 11.19 9.79 -26.91
N VAL A 86 11.55 8.52 -26.93
CA VAL A 86 12.25 7.94 -28.07
C VAL A 86 11.17 7.49 -29.07
N LEU A 87 11.03 8.23 -30.14
CA LEU A 87 9.90 8.04 -31.04
C LEU A 87 10.11 6.82 -31.93
N PRO A 88 9.14 5.93 -32.04
CA PRO A 88 9.21 4.85 -33.03
C PRO A 88 8.91 5.40 -34.43
N ALA A 89 9.02 4.52 -35.42
CA ALA A 89 8.74 4.89 -36.79
C ALA A 89 7.25 5.21 -36.97
N GLY A 90 6.97 6.19 -37.83
CA GLY A 90 5.60 6.62 -38.05
C GLY A 90 4.96 7.30 -36.87
N MET A 91 5.73 7.65 -35.84
CA MET A 91 5.23 8.29 -34.64
C MET A 91 5.93 9.63 -34.46
N SER A 92 5.15 10.70 -34.35
CA SER A 92 5.67 12.05 -34.23
C SER A 92 5.50 12.57 -32.80
N ALA A 93 6.27 13.61 -32.49
CA ALA A 93 6.19 14.21 -31.16
C ALA A 93 4.86 14.89 -30.91
N LYS A 94 4.14 15.28 -31.98
CA LYS A 94 2.82 15.87 -31.82
C LYS A 94 1.74 14.82 -31.60
N MET A 95 1.95 13.59 -32.07
CA MET A 95 1.01 12.51 -31.75
C MET A 95 1.07 12.18 -30.26
N LEU A 96 2.27 12.14 -29.69
CA LEU A 96 2.47 11.91 -28.26
C LEU A 96 2.47 13.20 -27.45
N GLY A 97 1.68 14.19 -27.86
CA GLY A 97 1.75 15.50 -27.23
C GLY A 97 1.02 15.63 -25.92
N GLY A 98 -0.06 14.88 -25.73
CA GLY A 98 -0.79 14.92 -24.48
C GLY A 98 -0.08 14.08 -23.42
N VAL A 99 0.13 14.68 -22.25
CA VAL A 99 0.90 14.05 -21.17
C VAL A 99 -0.02 13.79 -19.98
N PHE A 100 -0.14 12.53 -19.60
CA PHE A 100 -0.83 12.14 -18.37
C PHE A 100 0.17 11.99 -17.24
N LYS A 101 -0.22 12.40 -16.04
CA LYS A 101 0.55 12.08 -14.86
C LYS A 101 0.07 10.76 -14.27
N ILE A 102 1.02 9.93 -13.83
CA ILE A 102 0.71 8.59 -13.34
C ILE A 102 1.46 8.30 -12.05
N ASP A 103 0.83 7.54 -11.15
CA ASP A 103 1.44 7.02 -9.94
C ASP A 103 1.66 5.54 -10.12
N TRP A 104 2.89 5.09 -9.99
CA TRP A 104 3.16 3.68 -10.17
C TRP A 104 2.64 2.90 -8.97
N ILE A 105 2.01 1.77 -9.25
CA ILE A 105 1.61 0.85 -8.20
C ILE A 105 2.55 -0.36 -8.15
N CYS A 106 3.14 -0.73 -9.28
CA CYS A 106 4.04 -1.86 -9.34
C CYS A 106 5.00 -1.61 -10.49
N ARG A 107 6.30 -1.57 -10.22
CA ARG A 107 7.29 -1.45 -11.28
C ARG A 107 7.97 -2.77 -11.61
N ARG A 108 7.47 -3.87 -11.07
CA ARG A 108 8.00 -5.21 -11.31
C ARG A 108 7.40 -5.82 -12.58
N GLU A 109 8.16 -6.75 -13.16
CA GLU A 109 7.75 -7.47 -14.37
C GLU A 109 6.81 -8.63 -14.04
N LEU A 110 5.99 -9.00 -15.04
CA LEU A 110 5.23 -10.25 -15.01
C LEU A 110 5.30 -10.90 -16.38
N PRO A 111 5.88 -12.09 -16.51
CA PRO A 111 5.90 -12.76 -17.83
C PRO A 111 4.51 -13.17 -18.28
N PHE A 112 4.29 -13.10 -19.60
CA PHE A 112 3.01 -13.52 -20.19
C PHE A 112 2.66 -14.95 -19.81
N THR A 113 3.66 -15.80 -19.62
CA THR A 113 3.37 -17.18 -19.26
C THR A 113 2.58 -17.27 -17.96
N LYS A 114 2.66 -16.28 -17.09
CA LYS A 114 1.96 -16.31 -15.81
C LYS A 114 0.51 -15.86 -15.90
N SER A 115 0.10 -15.24 -17.00
CA SER A 115 -1.26 -14.74 -17.14
C SER A 115 -2.06 -15.54 -18.16
N ALA A 116 -1.57 -16.71 -18.55
CA ALA A 116 -2.20 -17.48 -19.62
C ALA A 116 -3.60 -17.96 -19.27
N HIS A 117 -3.97 -17.94 -17.99
CA HIS A 117 -5.29 -18.37 -17.55
C HIS A 117 -6.31 -17.24 -17.49
N LEU A 118 -5.91 -16.02 -17.87
CA LEU A 118 -6.78 -14.84 -17.80
C LEU A 118 -7.17 -14.43 -19.21
N THR A 119 -8.47 -14.36 -19.47
CA THR A 119 -8.99 -13.93 -20.76
C THR A 119 -9.82 -12.66 -20.57
N ASN A 120 -9.86 -11.85 -21.62
CA ASN A 120 -10.45 -10.51 -21.56
C ASN A 120 -11.77 -10.53 -22.31
N PRO A 121 -12.91 -10.44 -21.62
CA PRO A 121 -14.20 -10.40 -22.32
C PRO A 121 -14.32 -9.26 -23.33
N TRP A 122 -13.63 -8.14 -23.12
CA TRP A 122 -13.73 -7.03 -24.07
C TRP A 122 -12.84 -7.21 -25.28
N ASN A 123 -12.08 -8.31 -25.37
CA ASN A 123 -11.33 -8.67 -26.57
C ASN A 123 -11.57 -10.13 -26.89
N GLU A 124 -12.86 -10.49 -27.01
CA GLU A 124 -13.28 -11.80 -27.52
C GLU A 124 -12.74 -12.95 -26.67
N HIS A 125 -12.47 -12.68 -25.39
CA HIS A 125 -11.94 -13.66 -24.44
C HIS A 125 -10.62 -14.24 -24.90
N LYS A 126 -9.85 -13.45 -25.63
CA LYS A 126 -8.48 -13.82 -25.91
C LYS A 126 -7.65 -13.62 -24.66
N PRO A 127 -6.52 -14.32 -24.53
CA PRO A 127 -5.66 -14.10 -23.37
C PRO A 127 -5.35 -12.63 -23.20
N VAL A 128 -5.28 -12.20 -21.94
CA VAL A 128 -5.23 -10.77 -21.64
C VAL A 128 -3.96 -10.12 -22.20
N LYS A 129 -2.88 -10.88 -22.41
CA LYS A 129 -1.70 -10.31 -23.07
C LYS A 129 -2.00 -9.81 -24.48
N ILE A 130 -3.05 -10.32 -25.13
CA ILE A 130 -3.36 -9.97 -26.51
C ILE A 130 -4.25 -8.74 -26.54
N GLY A 131 -3.85 -7.74 -27.31
CA GLY A 131 -4.63 -6.53 -27.40
C GLY A 131 -3.82 -5.41 -27.99
N ARG A 132 -4.50 -4.47 -28.63
CA ARG A 132 -3.85 -3.28 -29.14
C ARG A 132 -3.58 -2.29 -28.01
N ASP A 133 -2.65 -1.38 -28.25
CA ASP A 133 -2.45 -0.25 -27.36
C ASP A 133 -3.79 0.41 -27.05
N GLY A 134 -4.13 0.49 -25.76
CA GLY A 134 -5.37 1.11 -25.33
C GLY A 134 -6.55 0.18 -25.12
N GLN A 135 -6.39 -1.11 -25.37
CA GLN A 135 -7.49 -2.06 -25.19
C GLN A 135 -7.96 -2.07 -23.73
N GLU A 136 -9.26 -1.87 -23.51
CA GLU A 136 -9.77 -1.97 -22.16
C GLU A 136 -9.83 -3.42 -21.71
N ILE A 137 -9.53 -3.63 -20.43
CA ILE A 137 -9.58 -4.94 -19.80
C ILE A 137 -10.71 -4.96 -18.78
N GLU A 138 -11.57 -5.96 -18.86
CA GLU A 138 -12.72 -6.05 -17.97
C GLU A 138 -12.27 -6.13 -16.51
N LEU A 139 -13.13 -5.60 -15.63
CA LEU A 139 -12.85 -5.44 -14.20
C LEU A 139 -12.24 -6.67 -13.55
N GLU A 140 -12.90 -7.83 -13.67
CA GLU A 140 -12.44 -9.02 -12.95
C GLU A 140 -11.11 -9.54 -13.51
N CYS A 141 -10.99 -9.52 -14.84
CA CYS A 141 -9.72 -9.90 -15.48
C CYS A 141 -8.60 -8.95 -15.07
N GLY A 142 -8.85 -7.64 -15.16
CA GLY A 142 -7.81 -6.68 -14.81
C GLY A 142 -7.39 -6.78 -13.36
N THR A 143 -8.36 -6.99 -12.46
CA THR A 143 -8.03 -7.14 -11.04
C THR A 143 -7.16 -8.35 -10.81
N GLN A 144 -7.54 -9.50 -11.38
CA GLN A 144 -6.72 -10.69 -11.16
C GLN A 144 -5.35 -10.54 -11.82
N LEU A 145 -5.27 -9.89 -12.98
CA LEU A 145 -3.98 -9.65 -13.60
C LEU A 145 -3.07 -8.85 -12.68
N CYS A 146 -3.58 -7.75 -12.13
CA CYS A 146 -2.75 -6.93 -11.25
C CYS A 146 -2.32 -7.70 -10.00
N LEU A 147 -3.18 -8.59 -9.49
CA LEU A 147 -2.81 -9.35 -8.31
C LEU A 147 -1.74 -10.41 -8.62
N LEU A 148 -1.51 -10.74 -9.89
CA LEU A 148 -0.46 -11.70 -10.22
C LEU A 148 0.93 -11.11 -10.12
N PHE A 149 1.05 -9.79 -10.23
CA PHE A 149 2.37 -9.17 -10.20
C PHE A 149 3.05 -9.44 -8.86
N PRO A 150 4.37 -9.60 -8.85
CA PRO A 150 5.07 -9.64 -7.59
C PRO A 150 4.83 -8.36 -6.82
N PRO A 151 4.76 -8.42 -5.50
CA PRO A 151 4.62 -7.19 -4.71
C PRO A 151 5.82 -6.28 -4.93
N ASP A 152 5.55 -4.97 -5.02
CA ASP A 152 6.60 -3.95 -5.11
C ASP A 152 6.72 -3.28 -3.74
N GLU A 153 7.66 -3.74 -2.94
CA GLU A 153 7.81 -3.22 -1.59
C GLU A 153 8.45 -1.84 -1.55
N SER A 154 8.88 -1.30 -2.69
CA SER A 154 9.39 0.05 -2.74
C SER A 154 8.29 1.09 -2.82
N ILE A 155 7.03 0.67 -2.96
CA ILE A 155 5.92 1.60 -3.16
C ILE A 155 5.01 1.57 -1.94
N ASP A 156 4.67 2.75 -1.43
CA ASP A 156 3.72 2.92 -0.33
C ASP A 156 2.40 3.38 -0.95
N LEU A 157 1.39 2.51 -0.93
CA LEU A 157 0.10 2.87 -1.52
C LEU A 157 -0.69 3.91 -0.71
N TYR A 158 -0.18 4.34 0.46
CA TYR A 158 -0.91 5.27 1.30
C TYR A 158 -1.21 6.58 0.58
N GLN A 159 -0.22 7.15 -0.11
CA GLN A 159 -0.49 8.43 -0.79
C GLN A 159 -1.36 8.23 -2.02
N VAL A 160 -1.26 7.08 -2.70
CA VAL A 160 -2.15 6.78 -3.82
C VAL A 160 -3.60 6.76 -3.36
N ILE A 161 -3.85 6.16 -2.20
CA ILE A 161 -5.21 6.05 -1.67
C ILE A 161 -5.79 7.43 -1.39
N HIS A 162 -4.96 8.38 -0.96
CA HIS A 162 -5.44 9.72 -0.64
C HIS A 162 -5.98 10.42 -1.88
N LYS A 163 -5.36 10.19 -3.03
CA LYS A 163 -5.75 10.85 -4.26
C LYS A 163 -7.05 10.33 -4.82
N MET A 164 -7.54 9.20 -4.32
CA MET A 164 -8.87 8.71 -4.67
C MET A 164 -9.96 9.54 -3.98
N GLY B 1 -11.97 13.68 28.46
CA GLY B 1 -10.55 13.91 28.69
C GLY B 1 -9.68 13.35 27.59
N THR B 2 -10.15 13.49 26.35
CA THR B 2 -9.47 12.91 25.20
C THR B 2 -8.68 13.94 24.38
N SER B 3 -8.58 15.19 24.83
CA SER B 3 -7.89 16.19 24.03
C SER B 3 -6.45 15.77 23.72
N LYS B 4 -5.73 15.27 24.72
CA LYS B 4 -4.34 14.90 24.48
C LYS B 4 -4.26 13.72 23.51
N LEU B 5 -5.05 12.68 23.76
CA LEU B 5 -5.01 11.51 22.88
C LEU B 5 -5.43 11.87 21.47
N LYS B 6 -6.46 12.71 21.32
CA LYS B 6 -6.86 13.11 19.98
C LYS B 6 -5.76 13.89 19.27
N TYR B 7 -4.96 14.67 20.01
CA TYR B 7 -3.82 15.35 19.42
C TYR B 7 -2.78 14.34 18.93
N VAL B 8 -2.51 13.31 19.72
CA VAL B 8 -1.52 12.30 19.36
C VAL B 8 -1.95 11.55 18.11
N LEU B 9 -3.27 11.32 17.94
CA LEU B 9 -3.78 10.50 16.85
C LEU B 9 -4.12 11.30 15.60
N GLN B 10 -4.03 12.62 15.64
CA GLN B 10 -4.37 13.41 14.46
C GLN B 10 -3.36 13.11 13.34
N ASP B 11 -3.89 12.79 12.17
CA ASP B 11 -3.11 12.48 10.98
C ASP B 11 -2.21 11.25 11.17
N ALA B 12 -2.56 10.36 12.10
CA ALA B 12 -1.75 9.17 12.35
C ALA B 12 -1.99 8.09 11.29
N ARG B 13 -1.04 7.15 11.18
CA ARG B 13 -1.26 5.88 10.50
C ARG B 13 -1.29 4.77 11.53
N PHE B 14 -2.08 3.72 11.24
CA PHE B 14 -2.39 2.69 12.21
C PHE B 14 -2.09 1.34 11.61
N PHE B 15 -1.42 0.49 12.39
CA PHE B 15 -1.14 -0.87 11.94
C PHE B 15 -1.52 -1.89 13.01
N LEU B 16 -2.19 -2.94 12.57
CA LEU B 16 -2.48 -4.07 13.44
C LEU B 16 -1.23 -4.91 13.61
N ILE B 17 -0.89 -5.25 14.84
CA ILE B 17 0.24 -6.11 15.16
C ILE B 17 -0.31 -7.40 15.74
N LYS B 18 0.05 -8.53 15.15
CA LYS B 18 -0.34 -9.82 15.69
C LYS B 18 0.90 -10.47 16.24
N SER B 19 0.84 -10.91 17.50
CA SER B 19 1.94 -11.61 18.13
C SER B 19 1.57 -13.06 18.36
N ASN B 20 2.50 -13.97 18.07
CA ASN B 20 2.16 -15.37 18.27
C ASN B 20 2.26 -15.81 19.71
N ASN B 21 2.83 -15.00 20.62
CA ASN B 21 2.83 -15.36 22.02
C ASN B 21 2.58 -14.13 22.88
N HIS B 22 2.19 -14.37 24.14
CA HIS B 22 2.02 -13.30 25.10
C HIS B 22 3.35 -12.76 25.61
N GLU B 23 4.38 -13.62 25.68
CA GLU B 23 5.64 -13.24 26.30
C GLU B 23 6.25 -12.02 25.63
N ASN B 24 6.25 -11.99 24.29
CA ASN B 24 6.91 -10.90 23.60
C ASN B 24 6.16 -9.59 23.78
N VAL B 25 4.83 -9.63 23.92
CA VAL B 25 4.07 -8.42 24.20
C VAL B 25 4.37 -7.93 25.62
N SER B 26 4.49 -8.86 26.58
CA SER B 26 4.87 -8.47 27.93
C SER B 26 6.25 -7.83 27.95
N LEU B 27 7.21 -8.46 27.26
CA LEU B 27 8.52 -7.88 27.12
C LEU B 27 8.44 -6.48 26.52
N ALA B 28 7.68 -6.34 25.43
CA ALA B 28 7.61 -5.09 24.70
C ALA B 28 6.97 -3.99 25.55
N LYS B 29 5.97 -4.36 26.37
CA LYS B 29 5.31 -3.38 27.22
C LYS B 29 6.25 -2.82 28.27
N ALA B 30 7.16 -3.64 28.77
CA ALA B 30 8.04 -3.18 29.83
C ALA B 30 9.21 -2.38 29.29
N LYS B 31 9.75 -2.78 28.15
CA LYS B 31 10.98 -2.24 27.62
C LYS B 31 10.78 -1.15 26.56
N GLY B 32 9.60 -1.09 25.93
CA GLY B 32 9.37 -0.07 24.93
C GLY B 32 10.03 -0.33 23.60
N VAL B 33 9.97 -1.57 23.12
CA VAL B 33 10.56 -1.95 21.85
C VAL B 33 9.64 -2.94 21.13
N TRP B 34 9.73 -2.96 19.81
CA TRP B 34 9.07 -3.96 19.01
C TRP B 34 9.93 -4.34 17.82
N SER B 35 9.75 -5.58 17.37
CA SER B 35 10.36 -6.13 16.17
C SER B 35 9.31 -6.91 15.39
N THR B 36 9.41 -6.86 14.06
CA THR B 36 8.47 -7.56 13.20
C THR B 36 9.22 -8.17 12.02
N LEU B 37 8.47 -8.84 11.14
CA LEU B 37 9.05 -9.49 9.97
C LEU B 37 9.52 -8.43 8.97
N PRO B 38 10.45 -8.79 8.05
CA PRO B 38 11.05 -7.75 7.20
C PRO B 38 10.06 -7.03 6.31
N VAL B 39 9.01 -7.71 5.83
CA VAL B 39 8.03 -7.05 4.98
C VAL B 39 7.33 -5.94 5.76
N ASN B 40 6.87 -6.26 6.98
CA ASN B 40 6.24 -5.25 7.82
C ASN B 40 7.25 -4.22 8.30
N GLU B 41 8.49 -4.65 8.58
CA GLU B 41 9.51 -3.72 9.03
C GLU B 41 9.71 -2.60 8.01
N LYS B 42 9.79 -2.95 6.73
CA LYS B 42 9.88 -1.95 5.68
C LYS B 42 8.68 -1.02 5.68
N LYS B 43 7.47 -1.59 5.72
CA LYS B 43 6.25 -0.77 5.69
C LYS B 43 6.21 0.22 6.85
N LEU B 44 6.67 -0.21 8.03
CA LEU B 44 6.64 0.68 9.19
C LEU B 44 7.70 1.76 9.10
N ASN B 45 8.88 1.44 8.56
CA ASN B 45 9.90 2.46 8.34
C ASN B 45 9.41 3.52 7.37
N LEU B 46 8.80 3.09 6.26
CA LEU B 46 8.21 4.04 5.31
C LEU B 46 7.20 4.93 6.00
N ALA B 47 6.32 4.34 6.80
CA ALA B 47 5.27 5.10 7.46
C ALA B 47 5.84 6.06 8.50
N PHE B 48 6.92 5.66 9.17
CA PHE B 48 7.49 6.53 10.19
C PHE B 48 7.99 7.84 9.59
N ARG B 49 8.56 7.78 8.38
CA ARG B 49 9.09 8.97 7.73
C ARG B 49 8.02 9.86 7.13
N SER B 50 6.84 9.31 6.82
CA SER B 50 5.80 10.08 6.15
C SER B 50 4.72 10.59 7.10
N ALA B 51 4.54 9.96 8.25
CA ALA B 51 3.39 10.24 9.11
C ALA B 51 3.82 10.98 10.37
N ARG B 52 2.91 11.81 10.88
CA ARG B 52 3.18 12.52 12.13
C ARG B 52 3.29 11.55 13.30
N SER B 53 2.49 10.47 13.28
CA SER B 53 2.51 9.42 14.27
C SER B 53 2.22 8.10 13.55
N VAL B 54 2.88 7.03 13.97
CA VAL B 54 2.56 5.67 13.54
C VAL B 54 2.16 4.89 14.78
N ILE B 55 0.94 4.36 14.77
CA ILE B 55 0.35 3.69 15.92
C ILE B 55 0.30 2.20 15.63
N LEU B 56 0.83 1.39 16.55
CA LEU B 56 0.73 -0.06 16.50
C LEU B 56 -0.33 -0.51 17.48
N ILE B 57 -1.31 -1.27 17.02
CA ILE B 57 -2.37 -1.79 17.87
C ILE B 57 -2.17 -3.30 18.00
N PHE B 58 -1.95 -3.79 19.23
CA PHE B 58 -1.44 -5.15 19.46
C PHE B 58 -2.56 -6.13 19.75
N SER B 59 -2.47 -7.32 19.16
CA SER B 59 -3.38 -8.41 19.48
C SER B 59 -2.61 -9.72 19.42
N VAL B 60 -2.59 -10.44 20.54
CA VAL B 60 -1.95 -11.75 20.61
C VAL B 60 -2.86 -12.78 19.96
N ARG B 61 -2.29 -13.65 19.13
CA ARG B 61 -3.09 -14.58 18.36
C ARG B 61 -3.90 -15.46 19.31
N GLU B 62 -5.19 -15.62 18.99
CA GLU B 62 -6.18 -16.45 19.70
C GLU B 62 -6.61 -15.91 21.06
N SER B 63 -6.17 -14.71 21.46
CA SER B 63 -6.53 -14.21 22.77
C SER B 63 -7.93 -13.60 22.82
N GLY B 64 -8.52 -13.25 21.67
CA GLY B 64 -9.81 -12.59 21.67
C GLY B 64 -9.80 -11.14 22.10
N LYS B 65 -8.62 -10.52 22.17
CA LYS B 65 -8.51 -9.16 22.70
C LYS B 65 -7.39 -8.42 21.98
N PHE B 66 -7.44 -7.09 22.05
CA PHE B 66 -6.27 -6.25 21.86
C PHE B 66 -5.59 -6.05 23.21
N GLN B 67 -4.27 -6.04 23.23
CA GLN B 67 -3.54 -5.85 24.49
C GLN B 67 -3.04 -4.43 24.72
N GLY B 68 -3.22 -3.52 23.78
CA GLY B 68 -2.78 -2.16 23.95
C GLY B 68 -2.37 -1.56 22.62
N PHE B 69 -1.89 -0.32 22.70
CA PHE B 69 -1.39 0.33 21.50
C PHE B 69 -0.29 1.32 21.87
N ALA B 70 0.60 1.55 20.90
CA ALA B 70 1.84 2.26 21.13
C ALA B 70 2.17 3.07 19.89
N ARG B 71 3.02 4.08 20.09
CA ARG B 71 3.46 4.95 19.00
C ARG B 71 4.94 4.70 18.71
N LEU B 72 5.28 4.51 17.43
CA LEU B 72 6.69 4.43 17.05
C LEU B 72 7.42 5.71 17.41
N SER B 73 8.57 5.58 18.09
CA SER B 73 9.41 6.73 18.32
C SER B 73 10.69 6.71 17.48
N SER B 74 10.97 5.62 16.78
CA SER B 74 12.12 5.56 15.89
C SER B 74 11.83 4.62 14.73
N GLU B 75 12.58 4.80 13.65
CA GLU B 75 12.70 3.74 12.66
C GLU B 75 13.39 2.52 13.27
N SER B 76 13.33 1.40 12.57
CA SER B 76 14.01 0.21 13.05
C SER B 76 15.52 0.44 13.00
N HIS B 77 16.20 -0.14 13.98
CA HIS B 77 17.65 0.00 14.12
C HIS B 77 18.22 -1.39 14.37
N HIS B 78 19.17 -1.79 13.54
CA HIS B 78 19.84 -3.08 13.69
C HIS B 78 21.14 -2.93 14.47
N GLY B 79 21.56 -4.02 15.09
CA GLY B 79 22.84 -4.04 15.78
C GLY B 79 22.87 -3.32 17.12
N GLY B 80 21.73 -2.93 17.66
CA GLY B 80 21.66 -2.39 19.00
C GLY B 80 21.75 -3.50 20.03
N SER B 81 21.29 -3.19 21.24
CA SER B 81 21.28 -4.18 22.31
C SER B 81 20.39 -5.36 21.93
N PRO B 82 20.91 -6.59 21.90
CA PRO B 82 20.08 -7.75 21.51
C PRO B 82 18.84 -7.95 22.36
N ILE B 83 17.68 -7.55 21.86
CA ILE B 83 16.43 -7.95 22.51
C ILE B 83 16.27 -9.45 22.38
N HIS B 84 16.01 -10.12 23.50
CA HIS B 84 15.98 -11.57 23.52
C HIS B 84 14.52 -12.04 23.46
N TRP B 85 13.93 -11.80 22.28
CA TRP B 85 12.56 -12.24 22.01
C TRP B 85 12.41 -13.72 22.28
N VAL B 86 11.21 -14.11 22.71
CA VAL B 86 10.82 -15.51 22.74
C VAL B 86 10.37 -15.88 21.32
N LEU B 87 11.17 -16.71 20.65
CA LEU B 87 10.95 -16.98 19.23
C LEU B 87 9.94 -18.09 19.05
N PRO B 88 8.83 -17.85 18.36
CA PRO B 88 7.90 -18.94 18.06
C PRO B 88 8.44 -19.80 16.92
N ALA B 89 7.87 -20.99 16.80
CA ALA B 89 8.27 -21.94 15.78
C ALA B 89 8.16 -21.33 14.38
N GLY B 90 9.30 -21.07 13.75
CA GLY B 90 9.32 -20.50 12.42
C GLY B 90 9.97 -19.14 12.38
N MET B 91 10.71 -18.80 13.44
CA MET B 91 11.29 -17.47 13.56
C MET B 91 12.67 -17.57 14.18
N SER B 92 13.65 -16.95 13.51
CA SER B 92 14.99 -16.79 14.05
C SER B 92 15.21 -15.32 14.41
N ALA B 93 16.24 -15.09 15.23
CA ALA B 93 16.54 -13.73 15.68
C ALA B 93 16.79 -12.79 14.51
N LYS B 94 17.37 -13.31 13.41
CA LYS B 94 17.69 -12.46 12.28
C LYS B 94 16.44 -11.91 11.60
N MET B 95 15.34 -12.67 11.64
CA MET B 95 14.08 -12.20 11.07
C MET B 95 13.49 -11.06 11.90
N LEU B 96 13.75 -11.05 13.21
CA LEU B 96 13.33 -9.97 14.10
C LEU B 96 14.46 -9.00 14.39
N GLY B 97 15.41 -8.85 13.47
CA GLY B 97 16.63 -8.11 13.76
C GLY B 97 16.42 -6.63 13.97
N GLY B 98 15.48 -6.02 13.24
CA GLY B 98 15.24 -4.60 13.38
C GLY B 98 14.44 -4.32 14.64
N VAL B 99 14.88 -3.34 15.43
CA VAL B 99 14.22 -3.00 16.69
C VAL B 99 13.68 -1.60 16.60
N PHE B 100 12.36 -1.46 16.71
CA PHE B 100 11.68 -0.17 16.82
C PHE B 100 11.57 0.19 18.30
N LYS B 101 11.92 1.43 18.64
CA LYS B 101 11.54 1.96 19.94
C LYS B 101 10.11 2.46 19.88
N ILE B 102 9.32 2.13 20.89
CA ILE B 102 7.91 2.51 20.93
C ILE B 102 7.57 3.08 22.30
N ASP B 103 6.63 4.01 22.29
CA ASP B 103 6.07 4.62 23.50
C ASP B 103 4.64 4.12 23.63
N TRP B 104 4.36 3.38 24.70
CA TRP B 104 3.02 2.86 24.90
C TRP B 104 2.07 3.99 25.26
N ILE B 105 0.87 3.94 24.67
CA ILE B 105 -0.20 4.88 24.97
C ILE B 105 -1.22 4.25 25.89
N CYS B 106 -1.43 2.95 25.72
CA CYS B 106 -2.33 2.18 26.55
C CYS B 106 -1.81 0.76 26.62
N ARG B 107 -1.66 0.22 27.83
CA ARG B 107 -1.29 -1.17 27.99
C ARG B 107 -2.44 -2.00 28.54
N ARG B 108 -3.65 -1.46 28.50
CA ARG B 108 -4.81 -2.17 29.01
C ARG B 108 -5.52 -2.88 27.87
N GLU B 109 -6.22 -3.95 28.23
CA GLU B 109 -6.83 -4.82 27.23
C GLU B 109 -8.14 -4.25 26.73
N LEU B 110 -8.45 -4.57 25.47
CA LEU B 110 -9.74 -4.24 24.87
C LEU B 110 -10.26 -5.52 24.23
N PRO B 111 -11.33 -6.12 24.78
CA PRO B 111 -11.87 -7.34 24.17
C PRO B 111 -12.49 -7.04 22.81
N PHE B 112 -12.38 -8.01 21.90
CA PHE B 112 -12.95 -7.88 20.56
C PHE B 112 -14.44 -7.55 20.63
N THR B 113 -15.10 -7.94 21.72
CA THR B 113 -16.52 -7.69 21.86
C THR B 113 -16.83 -6.20 21.94
N LYS B 114 -15.87 -5.38 22.34
CA LYS B 114 -16.10 -3.95 22.42
C LYS B 114 -15.78 -3.21 21.12
N SER B 115 -15.25 -3.90 20.12
CA SER B 115 -14.91 -3.27 18.84
C SER B 115 -15.68 -3.88 17.68
N ALA B 116 -16.72 -4.66 17.98
CA ALA B 116 -17.45 -5.37 16.93
C ALA B 116 -18.15 -4.43 15.96
N HIS B 117 -18.36 -3.18 16.33
CA HIS B 117 -19.07 -2.22 15.48
C HIS B 117 -18.17 -1.49 14.50
N LEU B 118 -16.85 -1.69 14.55
CA LEU B 118 -15.91 -0.96 13.73
C LEU B 118 -15.39 -1.86 12.61
N THR B 119 -15.40 -1.33 11.39
CA THR B 119 -14.97 -2.03 10.20
C THR B 119 -13.87 -1.23 9.53
N ASN B 120 -12.91 -1.92 8.93
CA ASN B 120 -11.74 -1.29 8.32
C ASN B 120 -11.91 -1.24 6.81
N PRO B 121 -12.13 -0.06 6.22
CA PRO B 121 -12.32 0.02 4.76
C PRO B 121 -11.16 -0.52 3.96
N TRP B 122 -9.94 -0.47 4.48
CA TRP B 122 -8.75 -0.95 3.79
C TRP B 122 -8.52 -2.44 3.98
N ASN B 123 -9.45 -3.14 4.60
CA ASN B 123 -9.49 -4.59 4.63
C ASN B 123 -10.91 -5.07 4.29
N GLU B 124 -11.43 -4.58 3.17
CA GLU B 124 -12.72 -4.99 2.61
C GLU B 124 -13.89 -4.79 3.57
N HIS B 125 -13.78 -3.78 4.45
CA HIS B 125 -14.83 -3.39 5.39
C HIS B 125 -15.18 -4.53 6.36
N LYS B 126 -14.21 -5.41 6.62
CA LYS B 126 -14.27 -6.45 7.63
C LYS B 126 -14.07 -5.85 9.03
N PRO B 127 -14.62 -6.49 10.07
CA PRO B 127 -14.44 -5.98 11.43
C PRO B 127 -12.96 -5.84 11.75
N VAL B 128 -12.63 -4.78 12.49
CA VAL B 128 -11.24 -4.37 12.63
C VAL B 128 -10.42 -5.43 13.36
N LYS B 129 -11.06 -6.27 14.18
CA LYS B 129 -10.35 -7.37 14.82
C LYS B 129 -9.76 -8.34 13.80
N ILE B 130 -10.32 -8.40 12.59
CA ILE B 130 -9.88 -9.33 11.57
C ILE B 130 -8.73 -8.71 10.78
N GLY B 131 -7.59 -9.38 10.76
CA GLY B 131 -6.48 -8.91 9.96
C GLY B 131 -5.20 -9.66 10.22
N ARG B 132 -4.27 -9.59 9.26
CA ARG B 132 -2.96 -10.20 9.39
C ARG B 132 -1.99 -9.25 10.10
N ASP B 133 -0.89 -9.82 10.58
CA ASP B 133 0.18 -9.02 11.16
C ASP B 133 0.60 -7.92 10.18
N GLY B 134 0.48 -6.66 10.61
CA GLY B 134 0.88 -5.55 9.80
C GLY B 134 -0.22 -4.93 8.96
N GLN B 135 -1.44 -5.45 9.04
CA GLN B 135 -2.55 -4.90 8.26
C GLN B 135 -2.74 -3.43 8.61
N GLU B 136 -2.73 -2.55 7.60
CA GLU B 136 -2.94 -1.14 7.89
C GLU B 136 -4.42 -0.86 8.11
N ILE B 137 -4.70 0.03 9.06
CA ILE B 137 -6.07 0.39 9.40
C ILE B 137 -6.31 1.83 8.97
N GLU B 138 -7.41 2.06 8.25
CA GLU B 138 -7.77 3.40 7.79
C GLU B 138 -7.90 4.36 8.98
N LEU B 139 -7.57 5.64 8.74
CA LEU B 139 -7.45 6.66 9.79
C LEU B 139 -8.65 6.71 10.74
N GLU B 140 -9.86 6.90 10.20
CA GLU B 140 -10.99 7.07 11.10
C GLU B 140 -11.30 5.79 11.88
N CYS B 141 -11.13 4.62 11.26
CA CYS B 141 -11.36 3.38 11.98
C CYS B 141 -10.31 3.19 13.09
N GLY B 142 -9.05 3.46 12.78
CA GLY B 142 -8.01 3.32 13.78
C GLY B 142 -8.19 4.28 14.93
N THR B 143 -8.56 5.53 14.62
CA THR B 143 -8.80 6.51 15.67
C THR B 143 -9.90 6.05 16.62
N GLN B 144 -11.03 5.59 16.07
CA GLN B 144 -12.13 5.16 16.92
C GLN B 144 -11.74 3.92 17.71
N LEU B 145 -10.97 3.02 17.10
CA LEU B 145 -10.50 1.86 17.85
C LEU B 145 -9.66 2.29 19.04
N CYS B 146 -8.71 3.21 18.84
CA CYS B 146 -7.87 3.63 19.96
C CYS B 146 -8.68 4.33 21.04
N LEU B 147 -9.73 5.08 20.66
CA LEU B 147 -10.51 5.78 21.67
C LEU B 147 -11.34 4.83 22.51
N LEU B 148 -11.51 3.58 22.06
CA LEU B 148 -12.27 2.59 22.81
C LEU B 148 -11.51 2.07 24.02
N PHE B 149 -10.18 2.11 24.00
CA PHE B 149 -9.40 1.57 25.10
C PHE B 149 -9.64 2.36 26.38
N PRO B 150 -9.61 1.70 27.54
CA PRO B 150 -9.77 2.41 28.81
C PRO B 150 -8.57 3.29 29.08
N PRO B 151 -8.73 4.36 29.86
CA PRO B 151 -7.57 5.16 30.25
C PRO B 151 -6.55 4.33 31.02
N ASP B 152 -5.28 4.55 30.73
CA ASP B 152 -4.20 3.84 31.41
C ASP B 152 -3.48 4.81 32.33
N GLU B 153 -3.67 4.62 33.64
CA GLU B 153 -3.08 5.49 34.67
C GLU B 153 -1.60 5.27 34.85
N SER B 154 -1.04 4.20 34.28
CA SER B 154 0.40 3.99 34.35
C SER B 154 1.14 4.78 33.29
N ILE B 155 0.42 5.44 32.38
CA ILE B 155 1.00 6.10 31.21
C ILE B 155 0.89 7.61 31.37
N ASP B 156 1.97 8.31 31.00
CA ASP B 156 2.02 9.77 30.95
C ASP B 156 2.24 10.15 29.48
N LEU B 157 1.22 10.76 28.85
CA LEU B 157 1.38 11.13 27.45
C LEU B 157 2.37 12.28 27.23
N TYR B 158 2.93 12.87 28.30
CA TYR B 158 3.76 14.06 28.16
C TYR B 158 4.96 13.81 27.26
N GLN B 159 5.69 12.71 27.49
CA GLN B 159 6.87 12.43 26.69
C GLN B 159 6.54 12.26 25.22
N VAL B 160 5.40 11.60 24.94
CA VAL B 160 4.96 11.42 23.55
C VAL B 160 4.68 12.77 22.91
N ILE B 161 3.83 13.57 23.56
CA ILE B 161 3.48 14.88 23.02
C ILE B 161 4.73 15.73 22.79
N HIS B 162 5.76 15.55 23.60
CA HIS B 162 6.98 16.34 23.43
C HIS B 162 7.90 15.81 22.35
N LYS B 163 7.65 14.61 21.83
CA LYS B 163 8.34 14.10 20.65
C LYS B 163 7.66 14.49 19.35
N MET B 164 6.52 15.16 19.41
CA MET B 164 5.78 15.54 18.21
C MET B 164 5.99 17.01 17.89
C10 JNC C . 2.14 1.85 -29.39
C13 JNC C . 2.93 3.21 -33.01
C15 JNC C . 1.70 3.13 -33.72
C17 JNC C . 0.69 2.22 -31.62
C20 JNC C . 3.45 4.67 -27.16
C01 JNC C . 5.30 7.31 -24.86
C03 JNC C . 4.58 5.46 -26.55
C05 JNC C . 6.05 4.01 -27.72
C08 JNC C . 3.78 3.58 -28.04
C09 JNC C . 2.52 3.00 -28.46
C11 JNC C . 1.96 2.29 -30.93
C12 JNC C . 3.08 2.81 -31.65
C16 JNC C . 0.58 2.62 -32.99
N02 JNC C . 4.33 6.55 -25.70
N04 JNC C . 5.87 5.09 -26.87
N07 JNC C . 5.11 3.25 -28.31
N18 JNC C . 1.58 3.78 -27.83
N19 JNC C . 2.07 4.76 -27.07
CL06 JNC C . 7.77 3.54 -28.12
CL14 JNC C . 4.41 3.85 -33.89
S SO4 D . -1.53 -3.88 3.73
O1 SO4 D . -2.18 -3.47 2.49
O2 SO4 D . -2.07 -3.14 4.87
O3 SO4 D . -0.10 -3.65 3.59
O4 SO4 D . -1.78 -5.32 3.94
S SO4 E . -12.38 -1.44 -26.11
O1 SO4 E . -13.22 -0.24 -26.21
O2 SO4 E . -12.15 -2.00 -27.44
O3 SO4 E . -11.10 -1.06 -25.50
O4 SO4 E . -13.07 -2.43 -25.28
C10 JNC F . 3.45 -12.72 13.82
C13 JNC F . 5.48 -15.78 12.44
C15 JNC F . 5.32 -15.72 11.03
C17 JNC F . 3.93 -13.69 11.41
C20 JNC F . 6.12 -10.99 15.93
C01 JNC F . 8.85 -9.61 18.49
C03 JNC F . 6.99 -10.89 17.17
C05 JNC F . 5.93 -12.90 17.89
C08 JNC F . 5.20 -12.11 15.81
C09 JNC F . 4.51 -11.92 14.56
C11 JNC F . 4.10 -13.79 12.83
C12 JNC F . 4.90 -14.86 13.35
C16 JNC F . 4.53 -14.65 10.52
N02 JNC F . 7.92 -9.86 17.37
N04 JNC F . 6.85 -11.88 18.11
N07 JNC F . 5.11 -13.09 16.82
N18 JNC F . 5.05 -10.79 14.04
N19 JNC F . 6.00 -10.20 14.81
CL06 JNC F . 5.78 -14.14 19.14
CL14 JNC F . 6.48 -17.14 13.12
S SO4 G . -6.05 -4.52 32.13
O1 SO4 G . -7.15 -3.58 31.92
O2 SO4 G . -4.88 -3.82 32.65
O3 SO4 G . -5.68 -5.15 30.86
O4 SO4 G . -6.44 -5.54 33.10
S SO4 H . 0.39 -13.11 9.55
O1 SO4 H . -0.07 -12.87 10.92
O2 SO4 H . 0.10 -11.92 8.75
O3 SO4 H . 1.84 -13.27 9.46
O4 SO4 H . -0.26 -14.29 8.99
S SO4 I . 20.25 0.80 10.93
O1 SO4 I . 19.62 1.72 11.89
O2 SO4 I . 21.50 1.36 10.42
O3 SO4 I . 20.53 -0.45 11.64
O4 SO4 I . 19.34 0.58 9.81
#